data_3SWI
#
_entry.id   3SWI
#
_cell.length_a   137.400
_cell.length_b   137.400
_cell.length_c   137.400
_cell.angle_alpha   90.00
_cell.angle_beta   90.00
_cell.angle_gamma   90.00
#
_symmetry.space_group_name_H-M   'I 2 3'
#
loop_
_entity.id
_entity.type
_entity.pdbx_description
1 polymer 'UDP-N-acetylglucosamine 1-carboxyvinyltransferase'
2 non-polymer METHOXY-ETHOXYL
3 non-polymer 2-(2-METHOXYETHOXY)ETHANOL
4 non-polymer 'MAGNESIUM ION'
5 non-polymer URIDINE-DIPHOSPHATE-N-ACETYLGALACTOSAMINE
6 non-polymer '2-{[(2R,3R,4R,5R,6R)-3-(acetylamino)-2-{[(S)-{[(R)-{[(2R,3S,4R,5R)-5-(2,4-dioxo-3,4-dihydropyrimidin-1(2H)-yl)-3,4-dihydroxytetrahydrofuran-2-yl]methoxy}(hydroxy)phosphoryl]oxy}(hydroxy)phosphoryl]oxy}-5-hydroxy-6-(hydroxymethyl)tetrahydro-2H-pyran-4-yl]oxy}prop-2-enoic acid'
7 water water
#
_entity_poly.entity_id   1
_entity_poly.type   'polypeptide(L)'
_entity_poly.pdbx_seq_one_letter_code
;MDKFRVQGPTRLQGEVTISGAKNAALPILFAALLAEEPVEIQNVPKLKDIDTTMKLLTQLGTKVER(IAS)GSVWIDASN
VNNFSAPYDLVKTMRASIWALGPLVARFGQGQVSLPGG(QPA)AIGARPVDLHIFGLEKLGAEIKLEEGYVKASVNGRLK
GAHIVMDKVSVGATVTIMSAATLAEGTTIIENAAREPEIVDTANFLVALGAKISGQGTDRITIEGVERLGGGVYRVLPDR
IETGTFLVAAAISGGKIVCRNAQPDTLDAVLAKLREAGADIETGEDWISLDMHGKRPKAVTVRTAPHPAFPTDMQAQFTL
LNLVAEGTGVITETIFENRFMHVPELIRMGAHAEIESNTVICHGVEKLSGAQVMATDLRASASLVLAGCIAEGTTVVDRI
YHIDRGYERIEDKLRALGANIERVKGE
;
_entity_poly.pdbx_strand_id   A
#
loop_
_chem_comp.id
_chem_comp.type
_chem_comp.name
_chem_comp.formula
IAS L-beta-peptide, C-gamma linking 'BETA-L-ASPARTIC ACID' 'C4 H7 N O4'
MG non-polymer 'MAGNESIUM ION' 'Mg 2'
MOE non-polymer METHOXY-ETHOXYL 'C3 H7 O2 -1'
PG0 non-polymer 2-(2-METHOXYETHOXY)ETHANOL 'C5 H12 O3'
UD2 non-polymer URIDINE-DIPHOSPHATE-N-ACETYLGALACTOSAMINE 'C17 H27 N3 O17 P2'
UPN non-polymer '2-{[(2R,3R,4R,5R,6R)-3-(acetylamino)-2-{[(S)-{[(R)-{[(2R,3S,4R,5R)-5-(2,4-dioxo-3,4-dihydropyrimidin-1(2H)-yl)-3,4-dihydroxytetrahydrofuran-2-yl]methoxy}(hydroxy)phosphoryl]oxy}(hydroxy)phosphoryl]oxy}-5-hydroxy-6-(hydroxymethyl)tetrahydro-2H-pyran-4-yl]oxy}prop-2-enoic acid' 'C20 H29 N3 O19 P2'
#
# COMPACT_ATOMS: atom_id res chain seq x y z
N MET A 1 -6.58 21.55 -11.42
CA MET A 1 -6.57 20.25 -10.67
C MET A 1 -6.91 19.09 -11.56
N ASP A 2 -6.05 18.07 -11.55
CA ASP A 2 -6.25 16.89 -12.38
C ASP A 2 -7.53 16.14 -12.22
N LYS A 3 -8.02 15.63 -13.35
CA LYS A 3 -9.23 14.85 -13.38
C LYS A 3 -9.30 13.80 -14.43
N PHE A 4 -10.11 12.79 -14.20
CA PHE A 4 -10.27 11.71 -15.16
C PHE A 4 -11.54 11.79 -15.95
N ARG A 5 -11.43 11.68 -17.27
CA ARG A 5 -12.60 11.63 -18.10
C ARG A 5 -12.71 10.26 -18.65
N VAL A 6 -13.52 9.43 -17.99
CA VAL A 6 -13.69 8.04 -18.39
C VAL A 6 -14.97 7.80 -19.09
N GLN A 7 -14.91 7.04 -20.18
CA GLN A 7 -16.12 6.69 -20.95
C GLN A 7 -16.28 5.21 -21.21
N GLY A 8 -17.43 4.66 -20.86
CA GLY A 8 -17.67 3.25 -21.06
C GLY A 8 -19.06 2.98 -21.58
N PRO A 9 -19.52 1.71 -21.59
CA PRO A 9 -18.80 0.52 -21.12
C PRO A 9 -17.67 0.08 -22.01
N THR A 10 -16.76 -0.70 -21.44
CA THR A 10 -15.58 -1.17 -22.16
C THR A 10 -15.15 -2.55 -21.70
N ARG A 11 -14.92 -3.47 -22.63
CA ARG A 11 -14.44 -4.79 -22.23
C ARG A 11 -12.95 -4.85 -22.16
N LEU A 12 -12.39 -4.63 -20.98
CA LEU A 12 -10.95 -4.67 -20.83
C LEU A 12 -10.33 -5.89 -21.45
N GLN A 13 -9.21 -5.72 -22.16
CA GLN A 13 -8.52 -6.83 -22.81
C GLN A 13 -7.07 -6.56 -23.12
N GLY A 14 -6.19 -7.52 -22.83
CA GLY A 14 -4.79 -7.29 -23.16
C GLY A 14 -3.73 -7.62 -22.14
N GLU A 15 -2.69 -6.80 -22.15
CA GLU A 15 -1.56 -7.00 -21.26
C GLU A 15 -1.21 -5.82 -20.41
N VAL A 16 -0.66 -6.10 -19.24
CA VAL A 16 -0.26 -5.06 -18.31
C VAL A 16 0.93 -5.51 -17.48
N THR A 17 1.88 -4.61 -17.26
CA THR A 17 3.06 -4.95 -16.48
C THR A 17 3.03 -4.37 -15.08
N ILE A 18 2.82 -5.24 -14.12
CA ILE A 18 2.73 -4.87 -12.72
C ILE A 18 3.98 -4.20 -12.21
N SER A 19 3.81 -3.06 -11.56
CA SER A 19 4.91 -2.31 -11.00
C SER A 19 5.35 -2.79 -9.66
N GLY A 20 6.50 -2.33 -9.20
CA GLY A 20 6.98 -2.73 -7.90
C GLY A 20 5.96 -2.24 -6.90
N ALA A 21 5.82 -2.96 -5.80
CA ALA A 21 4.86 -2.59 -4.78
C ALA A 21 5.13 -1.24 -4.16
N LYS A 22 4.09 -0.41 -4.07
CA LYS A 22 4.24 0.88 -3.43
C LYS A 22 4.59 0.73 -1.96
N ASN A 23 3.84 -0.15 -1.29
CA ASN A 23 4.02 -0.43 0.12
C ASN A 23 5.20 -1.28 0.51
N ALA A 24 6.06 -1.58 -0.46
CA ALA A 24 7.28 -2.33 -0.22
C ALA A 24 8.44 -1.38 -0.31
N ALA A 25 8.40 -0.52 -1.32
CA ALA A 25 9.44 0.46 -1.55
C ALA A 25 9.44 1.54 -0.48
N LEU A 26 8.26 1.91 0.02
CA LEU A 26 8.19 2.90 1.08
C LEU A 26 9.01 2.52 2.31
N PRO A 27 8.65 1.41 2.98
CA PRO A 27 9.40 1.00 4.16
C PRO A 27 10.81 0.65 3.78
N ILE A 28 11.03 0.24 2.54
CA ILE A 28 12.39 -0.06 2.11
C ILE A 28 13.22 1.21 2.02
N LEU A 29 12.65 2.28 1.48
CA LEU A 29 13.36 3.54 1.40
C LEU A 29 13.71 4.06 2.76
N PHE A 30 12.71 4.07 3.64
CA PHE A 30 12.93 4.51 5.02
C PHE A 30 13.96 3.66 5.69
N ALA A 31 14.00 2.39 5.30
CA ALA A 31 14.96 1.47 5.84
C ALA A 31 16.36 1.82 5.38
N ALA A 32 16.50 2.34 4.15
CA ALA A 32 17.81 2.73 3.65
C ALA A 32 18.49 3.78 4.52
N LEU A 33 17.71 4.50 5.33
CA LEU A 33 18.30 5.48 6.23
C LEU A 33 19.36 4.86 7.10
N LEU A 34 19.21 3.57 7.34
CA LEU A 34 20.15 2.80 8.15
C LEU A 34 21.44 2.50 7.42
N ALA A 35 21.30 2.25 6.13
CA ALA A 35 22.42 1.91 5.29
C ALA A 35 23.50 2.92 5.38
N GLU A 36 24.71 2.46 5.61
CA GLU A 36 25.85 3.35 5.68
C GLU A 36 26.55 3.47 4.36
N GLU A 37 26.09 2.68 3.40
CA GLU A 37 26.66 2.68 2.06
C GLU A 37 25.63 2.88 0.99
N PRO A 38 26.07 3.28 -0.22
CA PRO A 38 25.14 3.51 -1.34
C PRO A 38 24.22 2.33 -1.53
N VAL A 39 22.97 2.59 -1.83
CA VAL A 39 22.04 1.50 -2.03
C VAL A 39 21.23 1.68 -3.27
N GLU A 40 21.07 0.60 -4.02
CA GLU A 40 20.28 0.65 -5.23
C GLU A 40 19.04 -0.16 -5.16
N ILE A 41 17.91 0.53 -5.09
CA ILE A 41 16.61 -0.12 -5.03
C ILE A 41 15.98 -0.19 -6.40
N GLN A 42 15.73 -1.41 -6.88
CA GLN A 42 15.17 -1.62 -8.19
C GLN A 42 13.69 -1.83 -8.23
N ASN A 43 13.10 -1.59 -9.39
CA ASN A 43 11.66 -1.80 -9.57
C ASN A 43 10.75 -0.87 -8.76
N VAL A 44 11.12 0.41 -8.63
CA VAL A 44 10.29 1.34 -7.87
C VAL A 44 9.24 1.98 -8.71
N PRO A 45 7.98 1.95 -8.25
CA PRO A 45 6.91 2.56 -9.03
C PRO A 45 6.99 4.05 -9.07
N LYS A 46 6.63 4.64 -10.20
CA LYS A 46 6.60 6.09 -10.36
C LYS A 46 5.29 6.65 -9.83
N LEU A 47 5.33 7.11 -8.59
CA LEU A 47 4.11 7.62 -7.98
C LEU A 47 4.29 8.66 -6.89
N LYS A 48 3.24 9.45 -6.64
CA LYS A 48 3.27 10.48 -5.61
C LYS A 48 3.94 10.09 -4.33
N ASP A 49 3.47 9.02 -3.71
CA ASP A 49 4.08 8.55 -2.46
C ASP A 49 5.57 8.42 -2.53
N ILE A 50 6.06 7.95 -3.66
CA ILE A 50 7.50 7.83 -3.80
C ILE A 50 8.11 9.21 -3.84
N ASP A 51 7.51 10.14 -4.58
CA ASP A 51 8.04 11.51 -4.64
C ASP A 51 8.21 12.07 -3.24
N THR A 52 7.14 11.98 -2.47
CA THR A 52 7.07 12.43 -1.09
C THR A 52 8.18 11.84 -0.24
N THR A 53 8.33 10.52 -0.30
CA THR A 53 9.36 9.83 0.49
C THR A 53 10.75 10.22 0.04
N MET A 54 10.92 10.42 -1.27
CA MET A 54 12.23 10.86 -1.76
C MET A 54 12.55 12.22 -1.22
N LYS A 55 11.58 13.12 -1.29
CA LYS A 55 11.71 14.48 -0.77
C LYS A 55 12.03 14.51 0.69
N LEU A 56 11.34 13.65 1.43
CA LEU A 56 11.58 13.56 2.85
C LEU A 56 13.01 13.19 3.11
N LEU A 57 13.47 12.12 2.45
CA LEU A 57 14.84 11.63 2.57
C LEU A 57 15.83 12.70 2.33
N THR A 58 15.52 13.54 1.34
CA THR A 58 16.36 14.66 0.98
C THR A 58 16.48 15.64 2.12
N GLN A 59 15.37 15.89 2.81
CA GLN A 59 15.35 16.80 3.94
C GLN A 59 16.27 16.36 5.06
N LEU A 60 16.57 15.06 5.09
CA LEU A 60 17.44 14.49 6.11
C LEU A 60 18.89 14.53 5.76
N GLY A 61 19.18 14.80 4.49
CA GLY A 61 20.56 14.87 4.04
C GLY A 61 20.91 13.72 3.13
N THR A 62 19.91 12.93 2.82
CA THR A 62 20.12 11.78 1.96
C THR A 62 20.24 12.11 0.50
N LYS A 63 21.28 11.58 -0.14
CA LYS A 63 21.44 11.75 -1.57
C LYS A 63 20.48 10.84 -2.28
N VAL A 64 19.66 11.42 -3.15
CA VAL A 64 18.67 10.63 -3.87
C VAL A 64 18.74 10.81 -5.36
N GLU A 65 18.50 9.73 -6.09
CA GLU A 65 18.49 9.72 -7.56
C GLU A 65 17.50 8.73 -8.04
N ARG A 66 16.98 8.89 -9.25
CA ARG A 66 16.03 7.92 -9.78
C ARG A 66 15.83 7.98 -11.26
N IAS A 67 15.28 6.90 -11.80
CA IAS A 67 15.01 6.80 -13.23
C IAS A 67 13.73 7.51 -13.66
O IAS A 67 13.60 7.80 -14.87
CB IAS A 67 15.14 5.38 -13.76
CG IAS A 67 14.24 4.42 -13.02
OD1 IAS A 67 13.61 4.78 -12.03
OXT IAS A 67 12.86 7.74 -12.78
N GLY A 68 14.19 3.18 -13.48
CA GLY A 68 13.35 2.20 -12.84
C GLY A 68 13.71 1.98 -11.39
N SER A 69 14.92 2.38 -11.03
CA SER A 69 15.39 2.22 -9.67
C SER A 69 15.69 3.51 -8.92
N VAL A 70 15.92 3.41 -7.61
CA VAL A 70 16.24 4.58 -6.82
C VAL A 70 17.61 4.49 -6.20
N TRP A 71 18.42 5.50 -6.45
CA TRP A 71 19.76 5.53 -5.92
C TRP A 71 19.82 6.27 -4.62
N ILE A 72 20.03 5.54 -3.53
CA ILE A 72 20.08 6.14 -2.21
C ILE A 72 21.44 6.21 -1.59
N ASP A 73 21.76 7.37 -1.04
CA ASP A 73 22.99 7.56 -0.30
C ASP A 73 22.78 8.28 0.99
N ALA A 74 22.83 7.53 2.09
CA ALA A 74 22.59 8.12 3.40
C ALA A 74 23.82 8.42 4.20
N SER A 75 24.99 8.11 3.65
CA SER A 75 26.22 8.39 4.38
C SER A 75 26.24 9.74 5.11
N ASN A 76 25.63 10.76 4.50
CA ASN A 76 25.65 12.09 5.11
C ASN A 76 24.33 12.64 5.64
N VAL A 77 23.58 11.85 6.40
CA VAL A 77 22.34 12.35 6.98
C VAL A 77 22.68 13.38 8.03
N ASN A 78 22.18 14.60 7.84
CA ASN A 78 22.49 15.68 8.76
C ASN A 78 21.29 16.27 9.44
N ASN A 79 20.12 15.84 9.01
CA ASN A 79 18.88 16.31 9.59
C ASN A 79 18.10 15.16 10.16
N PHE A 80 17.37 15.38 11.24
CA PHE A 80 16.64 14.28 11.85
C PHE A 80 15.22 14.54 12.11
N SER A 81 14.68 15.59 11.52
CA SER A 81 13.28 15.90 11.72
C SER A 81 12.40 15.89 10.49
N ALA A 82 11.34 15.08 10.52
CA ALA A 82 10.39 15.06 9.42
C ALA A 82 9.36 16.11 9.72
N PRO A 83 9.42 17.25 9.01
CA PRO A 83 8.53 18.42 9.12
C PRO A 83 7.04 18.21 9.00
N TYR A 84 6.30 18.91 9.85
CA TYR A 84 4.83 18.86 9.85
C TYR A 84 4.26 19.00 8.44
N ASP A 85 4.75 20.01 7.73
CA ASP A 85 4.34 20.33 6.35
C ASP A 85 4.38 19.18 5.37
N LEU A 86 5.23 18.19 5.65
CA LEU A 86 5.37 17.05 4.79
C LEU A 86 4.62 15.83 5.31
N VAL A 87 4.72 15.58 6.61
CA VAL A 87 4.01 14.47 7.23
C VAL A 87 2.52 14.61 7.02
N LYS A 88 2.01 15.82 7.10
CA LYS A 88 0.60 16.08 6.91
C LYS A 88 0.03 15.67 5.58
N THR A 89 0.86 15.08 4.72
CA THR A 89 0.43 14.68 3.39
C THR A 89 0.67 13.22 3.16
N MET A 90 1.32 12.61 4.13
CA MET A 90 1.67 11.21 4.06
C MET A 90 2.06 10.67 5.41
N ARG A 91 1.09 10.14 6.15
CA ARG A 91 1.35 9.58 7.47
C ARG A 91 2.49 8.58 7.53
N ALA A 92 2.75 7.92 6.41
CA ALA A 92 3.83 6.95 6.33
C ALA A 92 5.15 7.56 6.75
N SER A 93 5.22 8.89 6.70
CA SER A 93 6.42 9.64 7.08
C SER A 93 6.99 9.18 8.39
N ILE A 94 6.10 8.71 9.26
CA ILE A 94 6.49 8.23 10.56
C ILE A 94 7.57 7.14 10.46
N TRP A 95 7.69 6.54 9.28
CA TRP A 95 8.67 5.49 9.03
C TRP A 95 10.09 5.88 9.24
N ALA A 96 10.35 7.18 9.22
CA ALA A 96 11.71 7.66 9.41
C ALA A 96 12.12 7.70 10.88
N LEU A 97 11.16 7.58 11.80
CA LEU A 97 11.47 7.63 13.23
C LEU A 97 12.41 6.57 13.75
N GLY A 98 12.06 5.30 13.56
CA GLY A 98 12.91 4.21 14.03
C GLY A 98 14.32 4.21 13.44
N PRO A 99 14.43 4.26 12.10
CA PRO A 99 15.77 4.27 11.54
C PRO A 99 16.59 5.41 12.08
N LEU A 100 16.01 6.61 12.13
CA LEU A 100 16.75 7.76 12.63
C LEU A 100 17.31 7.63 14.01
N VAL A 101 16.48 7.20 14.95
CA VAL A 101 16.95 7.08 16.33
C VAL A 101 17.80 5.84 16.49
N ALA A 102 17.46 4.78 15.79
CA ALA A 102 18.25 3.56 15.87
C ALA A 102 19.70 3.79 15.46
N ARG A 103 19.91 4.53 14.38
CA ARG A 103 21.27 4.80 13.90
C ARG A 103 21.94 6.04 14.46
N PHE A 104 21.16 7.09 14.70
CA PHE A 104 21.71 8.35 15.18
C PHE A 104 21.57 8.65 16.64
N GLY A 105 20.65 7.97 17.32
CA GLY A 105 20.45 8.24 18.74
C GLY A 105 19.40 9.33 18.89
N GLN A 106 18.85 9.75 17.76
CA GLN A 106 17.84 10.80 17.74
C GLN A 106 17.02 10.84 16.49
N GLY A 107 15.89 11.51 16.57
CA GLY A 107 15.02 11.63 15.43
C GLY A 107 13.72 12.24 15.87
N GLN A 108 13.15 13.08 15.01
CA GLN A 108 11.86 13.72 15.29
C GLN A 108 10.92 13.59 14.13
N VAL A 109 9.65 13.36 14.40
CA VAL A 109 8.68 13.23 13.33
C VAL A 109 7.34 13.78 13.70
N SER A 110 6.88 14.80 12.99
CA SER A 110 5.59 15.36 13.28
C SER A 110 4.56 14.28 13.53
N LEU A 111 3.92 14.30 14.70
CA LEU A 111 2.88 13.33 15.03
C LEU A 111 1.63 13.46 14.16
N PRO A 112 1.38 12.47 13.28
CA PRO A 112 0.25 12.45 12.35
C PRO A 112 -1.12 12.67 12.92
N GLY A 113 -1.83 13.66 12.40
CA GLY A 113 -3.18 13.94 12.84
C GLY A 113 -4.13 12.96 12.15
N GLY A 114 -5.38 13.39 11.93
CA GLY A 114 -6.34 12.50 11.30
C GLY A 114 -6.17 12.15 9.83
C QPA A 115 -8.32 10.33 7.63
N QPA A 115 -6.91 11.12 9.41
O QPA A 115 -9.10 9.90 8.46
P2 QPA A 115 -2.54 10.10 4.55
C8 QPA A 115 -5.17 9.44 5.00
C9 QPA A 115 -5.17 8.72 3.62
O9 QPA A 115 -5.27 11.95 5.04
CA QPA A 115 -6.90 10.64 8.03
CB QPA A 115 -6.02 9.39 7.90
SG QPA A 115 -6.07 8.50 6.30
C10 QPA A 115 -5.88 10.76 4.76
O10 QPA A 115 -7.12 10.79 4.23
O11 QPA A 115 -1.79 8.75 3.97
O12 QPA A 115 -1.54 10.83 5.43
O13 QPA A 115 -3.01 11.11 3.29
O14 QPA A 115 -3.86 9.78 5.54
N ALA A 116 -8.67 10.55 6.37
CA ALA A 116 -10.03 10.32 5.91
C ALA A 116 -10.50 8.88 6.05
N ILE A 117 -9.59 7.92 5.92
CA ILE A 117 -10.03 6.53 6.01
C ILE A 117 -10.43 6.11 7.41
N GLY A 118 -10.17 6.99 8.38
CA GLY A 118 -10.54 6.71 9.77
C GLY A 118 -9.44 6.83 10.82
N ALA A 119 -9.73 6.30 12.00
CA ALA A 119 -8.79 6.35 13.11
C ALA A 119 -7.57 5.50 12.86
N ARG A 120 -6.38 6.10 12.97
CA ARG A 120 -5.14 5.40 12.74
C ARG A 120 -4.05 5.84 13.69
N PRO A 121 -4.20 5.59 14.99
CA PRO A 121 -3.12 6.03 15.89
C PRO A 121 -1.84 5.31 15.61
N VAL A 122 -0.74 5.82 16.13
CA VAL A 122 0.56 5.21 15.92
C VAL A 122 1.17 4.75 17.22
N ASP A 123 0.30 4.58 18.20
CA ASP A 123 0.65 4.11 19.53
C ASP A 123 1.62 2.96 19.54
N LEU A 124 1.40 2.00 18.65
CA LEU A 124 2.25 0.83 18.58
C LEU A 124 3.66 1.10 18.24
N HIS A 125 3.87 2.15 17.46
CA HIS A 125 5.20 2.58 17.07
C HIS A 125 6.00 3.03 18.25
N ILE A 126 5.50 4.05 18.94
CA ILE A 126 6.18 4.57 20.12
C ILE A 126 6.45 3.48 21.08
N PHE A 127 5.38 2.80 21.46
CA PHE A 127 5.45 1.68 22.37
C PHE A 127 6.58 0.78 21.98
N GLY A 128 6.61 0.38 20.71
CA GLY A 128 7.64 -0.48 20.21
C GLY A 128 9.03 0.10 20.43
N LEU A 129 9.17 1.39 20.23
CA LEU A 129 10.45 2.03 20.42
C LEU A 129 10.89 2.09 21.86
N GLU A 130 9.98 2.46 22.75
CA GLU A 130 10.29 2.53 24.16
C GLU A 130 10.87 1.25 24.64
N LYS A 131 10.26 0.14 24.21
CA LYS A 131 10.74 -1.18 24.56
C LYS A 131 12.14 -1.43 24.08
N LEU A 132 12.58 -0.62 23.14
CA LEU A 132 13.93 -0.73 22.63
C LEU A 132 14.87 0.25 23.31
N GLY A 133 14.33 1.09 24.19
CA GLY A 133 15.16 2.05 24.89
C GLY A 133 14.95 3.50 24.49
N ALA A 134 14.26 3.71 23.39
CA ALA A 134 14.00 5.05 22.92
C ALA A 134 13.32 5.91 23.95
N GLU A 135 13.93 7.03 24.31
CA GLU A 135 13.30 7.97 25.22
C GLU A 135 12.49 8.91 24.38
N ILE A 136 11.18 8.72 24.34
CA ILE A 136 10.33 9.53 23.47
C ILE A 136 9.49 10.58 24.13
N LYS A 137 9.42 11.75 23.50
CA LYS A 137 8.63 12.86 24.01
C LYS A 137 7.80 13.59 22.96
N LEU A 138 6.85 14.41 23.37
CA LEU A 138 6.01 15.15 22.43
C LEU A 138 6.11 16.66 22.52
N GLU A 139 6.93 17.28 21.67
CA GLU A 139 7.09 18.74 21.67
C GLU A 139 6.41 19.44 20.54
N GLU A 140 5.46 20.32 20.85
CA GLU A 140 4.75 21.09 19.82
C GLU A 140 4.33 20.31 18.60
N GLY A 141 3.79 19.13 18.79
CA GLY A 141 3.37 18.32 17.67
C GLY A 141 4.44 17.34 17.19
N TYR A 142 5.68 17.53 17.61
CA TYR A 142 6.75 16.63 17.18
C TYR A 142 7.10 15.49 18.10
N VAL A 143 7.13 14.29 17.54
CA VAL A 143 7.51 13.10 18.29
C VAL A 143 9.03 13.07 18.42
N LYS A 144 9.55 13.37 19.61
CA LYS A 144 10.98 13.40 19.85
C LYS A 144 11.57 12.17 20.51
N ALA A 145 12.17 11.30 19.70
CA ALA A 145 12.81 10.08 20.18
C ALA A 145 14.29 10.27 20.39
N SER A 146 14.83 9.75 21.48
CA SER A 146 16.24 9.90 21.78
C SER A 146 16.80 8.75 22.56
N VAL A 147 17.96 8.27 22.19
CA VAL A 147 18.55 7.16 22.92
C VAL A 147 19.99 7.40 23.21
N ASN A 148 20.43 6.95 24.38
CA ASN A 148 21.82 7.07 24.78
C ASN A 148 22.62 5.93 24.23
N GLY A 149 23.24 6.13 23.09
CA GLY A 149 24.00 5.06 22.48
C GLY A 149 23.06 4.17 21.71
N ARG A 150 23.38 2.90 21.63
CA ARG A 150 22.58 1.93 20.90
C ARG A 150 21.29 1.58 21.60
N LEU A 151 20.34 1.03 20.85
CA LEU A 151 19.09 0.57 21.43
C LEU A 151 19.28 -0.86 21.91
N LYS A 152 18.51 -1.29 22.90
CA LYS A 152 18.60 -2.66 23.41
C LYS A 152 17.56 -3.60 22.82
N GLY A 153 17.95 -4.84 22.53
CA GLY A 153 16.99 -5.79 22.01
C GLY A 153 15.98 -6.17 23.09
N ALA A 154 14.73 -6.33 22.72
CA ALA A 154 13.71 -6.70 23.68
C ALA A 154 12.70 -7.68 23.14
N HIS A 155 11.94 -8.31 24.02
CA HIS A 155 10.88 -9.24 23.63
C HIS A 155 9.55 -8.49 23.56
N ILE A 156 9.12 -8.12 22.36
CA ILE A 156 7.90 -7.36 22.21
C ILE A 156 6.72 -8.11 21.65
N VAL A 157 5.59 -8.01 22.34
CA VAL A 157 4.33 -8.62 21.90
C VAL A 157 3.37 -7.54 21.47
N MET A 158 2.87 -7.66 20.24
CA MET A 158 1.99 -6.66 19.64
C MET A 158 0.51 -6.72 19.98
N ASP A 159 -0.07 -5.60 20.43
CA ASP A 159 -1.51 -5.57 20.74
C ASP A 159 -2.37 -5.83 19.54
N LYS A 160 -1.90 -5.34 18.40
CA LYS A 160 -2.60 -5.51 17.14
C LYS A 160 -1.64 -5.93 16.09
N VAL A 161 -2.13 -6.55 15.04
CA VAL A 161 -1.25 -6.91 13.95
C VAL A 161 -1.09 -5.65 13.13
N SER A 162 0.10 -5.07 13.13
CA SER A 162 0.31 -3.82 12.42
C SER A 162 1.48 -3.72 11.50
N VAL A 163 1.19 -3.60 10.21
CA VAL A 163 2.25 -3.46 9.22
C VAL A 163 3.15 -2.30 9.59
N GLY A 164 2.57 -1.14 9.88
CA GLY A 164 3.38 0.00 10.24
C GLY A 164 4.31 -0.20 11.42
N ALA A 165 3.76 -0.65 12.55
CA ALA A 165 4.59 -0.83 13.74
C ALA A 165 5.52 -2.00 13.64
N THR A 166 5.27 -2.95 12.76
CA THR A 166 6.19 -4.06 12.65
C THR A 166 7.42 -3.60 11.92
N VAL A 167 7.23 -2.74 10.91
CA VAL A 167 8.37 -2.23 10.17
C VAL A 167 9.17 -1.31 11.02
N THR A 168 8.49 -0.50 11.82
CA THR A 168 9.19 0.41 12.71
C THR A 168 10.06 -0.36 13.68
N ILE A 169 9.47 -1.34 14.37
CA ILE A 169 10.23 -2.12 15.32
C ILE A 169 11.30 -2.92 14.62
N MET A 170 10.93 -3.66 13.58
CA MET A 170 11.91 -4.44 12.84
C MET A 170 13.12 -3.66 12.40
N SER A 171 12.90 -2.67 11.54
CA SER A 171 13.96 -1.82 11.03
C SER A 171 14.92 -1.32 12.10
N ALA A 172 14.39 -0.68 13.15
CA ALA A 172 15.21 -0.15 14.22
C ALA A 172 16.00 -1.22 14.95
N ALA A 173 15.43 -2.42 15.07
CA ALA A 173 16.06 -3.54 15.78
C ALA A 173 17.30 -4.07 15.10
N THR A 174 17.51 -3.74 13.83
CA THR A 174 18.69 -4.23 13.14
C THR A 174 19.98 -3.68 13.73
N LEU A 175 19.94 -2.45 14.23
CA LEU A 175 21.12 -1.81 14.81
C LEU A 175 21.16 -1.82 16.30
N ALA A 176 20.20 -2.52 16.92
CA ALA A 176 20.12 -2.60 18.36
C ALA A 176 21.10 -3.58 18.94
N GLU A 177 21.33 -3.43 20.24
CA GLU A 177 22.24 -4.29 20.98
C GLU A 177 21.49 -5.46 21.55
N GLY A 178 21.82 -6.67 21.12
CA GLY A 178 21.13 -7.81 21.64
C GLY A 178 20.09 -8.35 20.68
N THR A 179 19.22 -9.22 21.19
CA THR A 179 18.19 -9.82 20.35
C THR A 179 16.83 -9.25 20.54
N THR A 180 16.15 -9.04 19.42
CA THR A 180 14.78 -8.51 19.41
C THR A 180 13.82 -9.51 18.83
N ILE A 181 12.69 -9.70 19.49
CA ILE A 181 11.68 -10.61 19.01
C ILE A 181 10.36 -9.94 18.93
N ILE A 182 9.75 -9.94 17.75
CA ILE A 182 8.45 -9.33 17.58
C ILE A 182 7.38 -10.38 17.54
N GLU A 183 6.64 -10.52 18.63
CA GLU A 183 5.58 -11.51 18.65
C GLU A 183 4.28 -10.94 18.17
N ASN A 184 3.53 -11.69 17.37
CA ASN A 184 2.27 -11.17 16.84
C ASN A 184 2.53 -10.12 15.82
N ALA A 185 3.55 -10.34 15.00
CA ALA A 185 3.93 -9.41 13.97
C ALA A 185 3.14 -9.58 12.70
N ALA A 186 3.17 -8.54 11.86
CA ALA A 186 2.46 -8.56 10.59
C ALA A 186 3.10 -9.51 9.63
N ARG A 187 2.31 -10.15 8.79
CA ARG A 187 2.86 -11.14 7.91
C ARG A 187 2.75 -10.71 6.44
N GLU A 188 2.30 -9.47 6.20
CA GLU A 188 2.30 -8.86 4.88
C GLU A 188 3.55 -9.11 4.05
N PRO A 189 3.40 -9.38 2.75
CA PRO A 189 4.53 -9.64 1.86
C PRO A 189 5.51 -8.51 1.95
N GLU A 190 5.00 -7.29 2.07
CA GLU A 190 5.86 -6.13 2.17
C GLU A 190 6.78 -6.15 3.38
N ILE A 191 6.38 -6.82 4.45
CA ILE A 191 7.25 -6.92 5.62
C ILE A 191 8.44 -7.80 5.26
N VAL A 192 8.15 -8.94 4.63
CA VAL A 192 9.16 -9.91 4.19
C VAL A 192 10.20 -9.24 3.31
N ASP A 193 9.78 -8.43 2.37
CA ASP A 193 10.68 -7.73 1.49
C ASP A 193 11.54 -6.73 2.23
N THR A 194 10.94 -5.94 3.09
CA THR A 194 11.71 -5.00 3.89
C THR A 194 12.77 -5.72 4.68
N ALA A 195 12.46 -6.93 5.15
CA ALA A 195 13.42 -7.73 5.89
C ALA A 195 14.47 -8.28 4.96
N ASN A 196 14.05 -8.87 3.85
CA ASN A 196 15.01 -9.39 2.89
C ASN A 196 15.99 -8.30 2.54
N PHE A 197 15.44 -7.13 2.23
CA PHE A 197 16.25 -5.97 1.93
C PHE A 197 17.26 -5.75 3.04
N LEU A 198 16.76 -5.65 4.27
CA LEU A 198 17.63 -5.47 5.42
C LEU A 198 18.72 -6.53 5.52
N VAL A 199 18.33 -7.78 5.37
CA VAL A 199 19.31 -8.83 5.42
C VAL A 199 20.39 -8.61 4.40
N ALA A 200 19.98 -8.24 3.18
CA ALA A 200 20.94 -7.99 2.12
C ALA A 200 21.97 -6.96 2.52
N LEU A 201 21.55 -5.97 3.30
CA LEU A 201 22.46 -4.94 3.78
C LEU A 201 23.41 -5.41 4.83
N GLY A 202 23.24 -6.65 5.24
CA GLY A 202 24.10 -7.20 6.27
C GLY A 202 23.40 -7.37 7.60
N ALA A 203 22.09 -7.19 7.65
CA ALA A 203 21.37 -7.35 8.90
C ALA A 203 21.12 -8.81 9.23
N LYS A 204 20.64 -9.07 10.44
CA LYS A 204 20.32 -10.42 10.88
C LYS A 204 18.87 -10.56 11.21
N ILE A 205 18.07 -11.11 10.30
CA ILE A 205 16.65 -11.27 10.59
C ILE A 205 16.09 -12.60 10.18
N SER A 206 15.22 -13.15 11.00
CA SER A 206 14.55 -14.42 10.71
C SER A 206 13.12 -14.39 11.14
N GLY A 207 12.27 -15.15 10.47
CA GLY A 207 10.88 -15.18 10.84
C GLY A 207 10.04 -14.23 10.03
N GLN A 208 10.62 -13.59 9.03
CA GLN A 208 9.83 -12.70 8.19
C GLN A 208 8.77 -13.46 7.44
N GLY A 209 7.51 -13.07 7.60
CA GLY A 209 6.43 -13.75 6.93
C GLY A 209 5.62 -14.53 7.95
N THR A 210 6.21 -14.71 9.12
CA THR A 210 5.56 -15.44 10.21
C THR A 210 5.09 -14.49 11.26
N ASP A 211 4.42 -15.02 12.29
CA ASP A 211 3.94 -14.19 13.39
C ASP A 211 4.99 -13.94 14.45
N ARG A 212 6.20 -14.40 14.17
CA ARG A 212 7.31 -14.27 15.08
C ARG A 212 8.60 -13.89 14.38
N ILE A 213 8.91 -12.60 14.32
CA ILE A 213 10.14 -12.17 13.67
C ILE A 213 11.24 -11.93 14.67
N THR A 214 12.42 -12.50 14.40
CA THR A 214 13.57 -12.36 15.29
C THR A 214 14.71 -11.59 14.68
N ILE A 215 15.12 -10.50 15.33
CA ILE A 215 16.21 -9.67 14.83
C ILE A 215 17.43 -9.70 15.70
N GLU A 216 18.56 -9.95 15.08
CA GLU A 216 19.82 -9.96 15.78
C GLU A 216 20.65 -8.74 15.48
N GLY A 217 20.74 -7.84 16.45
CA GLY A 217 21.48 -6.61 16.24
C GLY A 217 22.86 -6.81 15.67
N VAL A 218 23.29 -5.85 14.87
CA VAL A 218 24.62 -5.88 14.25
C VAL A 218 25.28 -4.53 14.36
N GLU A 219 26.56 -4.50 14.02
CA GLU A 219 27.37 -3.30 14.08
C GLU A 219 26.85 -2.17 13.21
N ARG A 220 26.70 -2.48 11.92
CA ARG A 220 26.26 -1.49 10.97
C ARG A 220 25.70 -2.14 9.75
N LEU A 221 25.14 -1.34 8.86
CA LEU A 221 24.59 -1.84 7.61
C LEU A 221 25.29 -1.29 6.40
N GLY A 222 25.66 -2.18 5.49
CA GLY A 222 26.36 -1.73 4.30
C GLY A 222 25.44 -1.13 3.27
N GLY A 223 25.71 -1.45 2.01
CA GLY A 223 24.91 -0.99 0.91
C GLY A 223 24.65 -2.19 0.04
N GLY A 224 24.07 -1.98 -1.14
CA GLY A 224 23.81 -3.10 -2.02
C GLY A 224 22.75 -2.79 -3.05
N VAL A 225 22.21 -3.83 -3.63
CA VAL A 225 21.18 -3.71 -4.64
C VAL A 225 20.03 -4.66 -4.39
N TYR A 226 18.85 -4.10 -4.11
CA TYR A 226 17.69 -4.91 -3.86
C TYR A 226 16.58 -4.73 -4.88
N ARG A 227 15.81 -5.79 -5.13
CA ARG A 227 14.70 -5.69 -6.05
C ARG A 227 13.34 -5.83 -5.38
N VAL A 228 12.58 -4.75 -5.38
CA VAL A 228 11.26 -4.70 -4.78
C VAL A 228 10.30 -5.65 -5.44
N LEU A 229 9.51 -6.36 -4.64
CA LEU A 229 8.52 -7.29 -5.19
C LEU A 229 7.41 -6.59 -5.96
N PRO A 230 6.62 -7.36 -6.73
CA PRO A 230 5.52 -6.77 -7.50
C PRO A 230 4.39 -6.34 -6.62
N ASP A 231 3.72 -5.25 -6.99
CA ASP A 231 2.59 -4.71 -6.23
C ASP A 231 1.37 -5.61 -6.23
N ARG A 232 1.08 -6.26 -5.12
CA ARG A 232 -0.09 -7.13 -5.08
C ARG A 232 -1.39 -6.40 -5.29
N ILE A 233 -1.49 -5.19 -4.76
CA ILE A 233 -2.70 -4.42 -4.91
C ILE A 233 -2.95 -4.03 -6.33
N GLU A 234 -1.93 -3.50 -7.01
CA GLU A 234 -2.11 -3.13 -8.40
C GLU A 234 -2.68 -4.27 -9.20
N THR A 235 -2.07 -5.43 -9.03
CA THR A 235 -2.47 -6.65 -9.71
C THR A 235 -3.92 -6.98 -9.42
N GLY A 236 -4.29 -7.02 -8.15
CA GLY A 236 -5.68 -7.34 -7.80
C GLY A 236 -6.63 -6.33 -8.40
N THR A 237 -6.16 -5.09 -8.51
CA THR A 237 -6.96 -4.01 -9.10
C THR A 237 -7.15 -4.24 -10.57
N PHE A 238 -6.08 -4.67 -11.24
CA PHE A 238 -6.18 -4.96 -12.66
C PHE A 238 -7.03 -6.14 -12.94
N LEU A 239 -6.86 -7.18 -12.12
CA LEU A 239 -7.64 -8.41 -12.23
C LEU A 239 -9.12 -8.14 -12.08
N VAL A 240 -9.46 -7.41 -11.03
CA VAL A 240 -10.85 -7.05 -10.76
C VAL A 240 -11.41 -6.29 -11.93
N ALA A 241 -10.59 -5.40 -12.48
CA ALA A 241 -10.96 -4.56 -13.61
C ALA A 241 -11.39 -5.37 -14.78
N ALA A 242 -10.65 -6.43 -15.06
CA ALA A 242 -11.01 -7.29 -16.17
C ALA A 242 -12.20 -8.11 -15.83
N ALA A 243 -12.26 -8.58 -14.59
CA ALA A 243 -13.35 -9.42 -14.09
C ALA A 243 -14.70 -8.74 -14.05
N ILE A 244 -14.76 -7.41 -14.05
CA ILE A 244 -16.05 -6.74 -13.99
C ILE A 244 -16.48 -6.23 -15.32
N SER A 245 -15.64 -6.50 -16.31
CA SER A 245 -15.85 -6.05 -17.66
C SER A 245 -15.93 -7.17 -18.65
N GLY A 246 -15.95 -8.41 -18.14
CA GLY A 246 -15.99 -9.56 -19.01
C GLY A 246 -14.66 -9.66 -19.74
N GLY A 247 -13.64 -9.07 -19.12
CA GLY A 247 -12.32 -9.05 -19.71
C GLY A 247 -11.50 -10.31 -19.83
N LYS A 248 -10.40 -10.16 -20.57
CA LYS A 248 -9.40 -11.20 -20.86
C LYS A 248 -8.02 -10.55 -20.81
N ILE A 249 -7.36 -10.69 -19.67
CA ILE A 249 -6.08 -9.99 -19.44
C ILE A 249 -4.93 -10.87 -18.98
N VAL A 250 -3.72 -10.31 -19.01
CA VAL A 250 -2.53 -11.00 -18.54
C VAL A 250 -1.71 -10.11 -17.66
N CYS A 251 -1.17 -10.64 -16.56
CA CYS A 251 -0.37 -9.82 -15.67
C CYS A 251 1.10 -10.17 -15.67
N ARG A 252 1.94 -9.29 -16.25
CA ARG A 252 3.39 -9.50 -16.31
C ARG A 252 4.13 -8.92 -15.08
N ASN A 253 5.29 -9.47 -14.70
CA ASN A 253 6.00 -8.99 -13.51
C ASN A 253 5.16 -9.14 -12.26
N ALA A 254 4.63 -10.33 -12.07
CA ALA A 254 3.78 -10.60 -10.92
C ALA A 254 4.35 -11.62 -9.99
N GLN A 255 3.61 -11.82 -8.89
CA GLN A 255 3.93 -12.75 -7.82
C GLN A 255 2.63 -13.30 -7.24
N PRO A 256 2.04 -14.28 -7.93
CA PRO A 256 0.79 -14.94 -7.57
C PRO A 256 0.58 -15.30 -6.12
N ASP A 257 1.64 -15.68 -5.42
CA ASP A 257 1.49 -16.03 -4.01
C ASP A 257 1.38 -14.88 -3.05
N THR A 258 0.66 -13.85 -3.44
CA THR A 258 0.45 -12.72 -2.58
C THR A 258 -1.00 -12.30 -2.72
N LEU A 259 -1.66 -12.98 -3.65
CA LEU A 259 -3.07 -12.77 -3.95
C LEU A 259 -3.98 -13.93 -3.63
N ASP A 260 -3.45 -14.99 -3.01
CA ASP A 260 -4.30 -16.12 -2.72
C ASP A 260 -5.74 -15.83 -2.37
N ALA A 261 -5.96 -14.90 -1.44
CA ALA A 261 -7.32 -14.52 -1.05
C ALA A 261 -8.04 -13.85 -2.19
N VAL A 262 -7.39 -12.90 -2.86
CA VAL A 262 -8.01 -12.22 -3.99
C VAL A 262 -8.24 -13.21 -5.10
N LEU A 263 -7.23 -13.99 -5.42
CA LEU A 263 -7.36 -14.99 -6.45
C LEU A 263 -8.55 -15.88 -6.25
N ALA A 264 -8.68 -16.44 -5.05
CA ALA A 264 -9.79 -17.31 -4.73
C ALA A 264 -11.11 -16.57 -4.78
N LYS A 265 -11.13 -15.33 -4.29
CA LYS A 265 -12.35 -14.54 -4.36
C LYS A 265 -12.77 -14.32 -5.79
N LEU A 266 -11.79 -14.12 -6.65
CA LEU A 266 -12.04 -13.94 -8.07
C LEU A 266 -12.64 -15.20 -8.70
N ARG A 267 -11.97 -16.33 -8.51
CA ARG A 267 -12.49 -17.60 -9.04
C ARG A 267 -13.91 -17.83 -8.57
N GLU A 268 -14.12 -17.56 -7.28
CA GLU A 268 -15.42 -17.68 -6.66
C GLU A 268 -16.41 -16.81 -7.41
N ALA A 269 -15.99 -15.57 -7.69
CA ALA A 269 -16.83 -14.66 -8.46
C ALA A 269 -17.19 -15.28 -9.79
N GLY A 270 -16.28 -16.07 -10.35
CA GLY A 270 -16.56 -16.72 -11.62
C GLY A 270 -15.55 -16.56 -12.74
N ALA A 271 -14.31 -16.25 -12.45
CA ALA A 271 -13.35 -16.08 -13.51
C ALA A 271 -12.43 -17.24 -13.69
N ASP A 272 -11.88 -17.32 -14.90
CA ASP A 272 -10.92 -18.35 -15.28
C ASP A 272 -9.50 -17.91 -14.95
N ILE A 273 -8.92 -18.44 -13.88
CA ILE A 273 -7.58 -18.02 -13.49
C ILE A 273 -6.48 -19.05 -13.59
N GLU A 274 -5.44 -18.67 -14.31
CA GLU A 274 -4.24 -19.47 -14.51
C GLU A 274 -3.03 -18.67 -14.05
N THR A 275 -2.00 -19.33 -13.57
CA THR A 275 -0.86 -18.55 -13.12
C THR A 275 0.44 -19.21 -13.43
N GLY A 276 1.49 -18.39 -13.48
CA GLY A 276 2.80 -18.91 -13.76
C GLY A 276 3.73 -18.45 -12.67
N GLU A 277 5.02 -18.58 -12.92
CA GLU A 277 6.02 -18.16 -11.96
C GLU A 277 5.95 -16.69 -11.66
N ASP A 278 5.68 -15.90 -12.70
CA ASP A 278 5.62 -14.45 -12.58
C ASP A 278 4.54 -13.82 -13.41
N TRP A 279 3.42 -14.52 -13.55
CA TRP A 279 2.31 -14.01 -14.33
C TRP A 279 0.99 -14.55 -13.88
N ILE A 280 -0.08 -13.85 -14.25
CA ILE A 280 -1.41 -14.29 -13.89
C ILE A 280 -2.37 -13.97 -14.98
N SER A 281 -3.11 -14.98 -15.40
CA SER A 281 -4.11 -14.79 -16.44
C SER A 281 -5.53 -14.86 -15.96
N LEU A 282 -6.36 -13.98 -16.50
CA LEU A 282 -7.76 -13.92 -16.14
C LEU A 282 -8.64 -13.72 -17.33
N ASP A 283 -9.65 -14.58 -17.44
CA ASP A 283 -10.62 -14.53 -18.52
C ASP A 283 -12.03 -14.76 -18.03
N MET A 284 -12.87 -13.75 -18.16
CA MET A 284 -14.27 -13.83 -17.74
C MET A 284 -15.16 -14.59 -18.70
N HIS A 285 -14.59 -15.13 -19.78
CA HIS A 285 -15.38 -15.87 -20.76
C HIS A 285 -16.73 -15.25 -21.06
N GLY A 286 -16.79 -13.92 -21.15
CA GLY A 286 -18.04 -13.24 -21.43
C GLY A 286 -19.10 -13.51 -20.37
N LYS A 287 -18.75 -13.31 -19.11
CA LYS A 287 -19.70 -13.53 -18.02
C LYS A 287 -19.76 -12.43 -17.02
N ARG A 288 -20.95 -12.14 -16.53
CA ARG A 288 -21.13 -11.13 -15.49
C ARG A 288 -20.72 -11.72 -14.17
N PRO A 289 -19.86 -11.04 -13.40
CA PRO A 289 -19.43 -11.60 -12.12
C PRO A 289 -20.52 -11.96 -11.12
N LYS A 290 -20.22 -12.94 -10.27
CA LYS A 290 -21.17 -13.38 -9.25
C LYS A 290 -20.84 -12.77 -7.90
N ALA A 291 -21.84 -12.25 -7.19
CA ALA A 291 -21.59 -11.62 -5.89
C ALA A 291 -20.79 -12.50 -4.98
N VAL A 292 -19.91 -11.89 -4.20
CA VAL A 292 -19.10 -12.65 -3.27
C VAL A 292 -19.01 -11.95 -1.95
N THR A 293 -18.66 -12.67 -0.91
CA THR A 293 -18.55 -12.07 0.43
C THR A 293 -17.09 -11.85 0.82
N VAL A 294 -16.79 -10.66 1.33
CA VAL A 294 -15.43 -10.34 1.71
C VAL A 294 -15.25 -9.87 3.12
N ARG A 295 -14.16 -10.29 3.73
CA ARG A 295 -13.85 -9.91 5.11
C ARG A 295 -12.41 -9.47 5.28
N THR A 296 -12.15 -8.16 5.21
CA THR A 296 -10.78 -7.67 5.34
C THR A 296 -10.11 -8.14 6.60
N ALA A 297 -8.81 -8.39 6.51
CA ALA A 297 -8.02 -8.84 7.67
C ALA A 297 -6.54 -8.92 7.33
N PRO A 298 -5.65 -9.03 8.33
CA PRO A 298 -4.22 -9.10 8.08
C PRO A 298 -3.82 -10.20 7.12
N HIS A 299 -2.82 -9.99 6.29
CA HIS A 299 -2.37 -10.99 5.33
C HIS A 299 -2.09 -12.31 5.99
N PRO A 300 -2.53 -13.39 5.41
CA PRO A 300 -2.86 -13.54 4.02
C PRO A 300 -4.31 -13.52 3.75
N ALA A 301 -5.09 -12.80 4.51
CA ALA A 301 -6.50 -12.79 4.33
C ALA A 301 -6.83 -11.71 3.35
N PHE A 302 -8.09 -11.55 3.06
CA PHE A 302 -8.48 -10.49 2.14
C PHE A 302 -7.96 -9.15 2.58
N PRO A 303 -7.28 -8.42 1.70
CA PRO A 303 -6.73 -7.12 2.06
C PRO A 303 -7.66 -5.96 1.87
N THR A 304 -7.71 -5.09 2.86
CA THR A 304 -8.56 -3.93 2.78
C THR A 304 -8.21 -3.09 1.56
N ASP A 305 -6.96 -3.15 1.11
CA ASP A 305 -6.56 -2.41 -0.09
C ASP A 305 -7.28 -2.84 -1.36
N MET A 306 -8.00 -3.97 -1.30
CA MET A 306 -8.77 -4.51 -2.44
C MET A 306 -10.25 -4.40 -2.18
N GLN A 307 -10.57 -4.05 -0.94
CA GLN A 307 -11.93 -3.90 -0.47
C GLN A 307 -12.87 -3.09 -1.34
N ALA A 308 -12.47 -1.87 -1.70
CA ALA A 308 -13.31 -1.01 -2.54
C ALA A 308 -13.52 -1.65 -3.88
N GLN A 309 -12.44 -2.19 -4.43
CA GLN A 309 -12.48 -2.89 -5.71
C GLN A 309 -13.56 -3.96 -5.70
N PHE A 310 -13.48 -4.85 -4.70
CA PHE A 310 -14.49 -5.89 -4.55
C PHE A 310 -15.88 -5.37 -4.31
N THR A 311 -15.99 -4.21 -3.67
CA THR A 311 -17.31 -3.64 -3.46
C THR A 311 -17.86 -3.34 -4.82
N LEU A 312 -17.06 -2.70 -5.68
CA LEU A 312 -17.51 -2.42 -7.05
C LEU A 312 -17.94 -3.66 -7.74
N LEU A 313 -17.12 -4.69 -7.64
CA LEU A 313 -17.42 -5.96 -8.26
C LEU A 313 -18.80 -6.46 -7.93
N ASN A 314 -19.20 -6.32 -6.67
CA ASN A 314 -20.51 -6.77 -6.21
C ASN A 314 -21.60 -5.90 -6.68
N LEU A 315 -21.27 -4.65 -6.92
CA LEU A 315 -22.25 -3.70 -7.35
C LEU A 315 -22.84 -3.99 -8.69
N VAL A 316 -22.08 -4.71 -9.49
CA VAL A 316 -22.50 -5.05 -10.84
C VAL A 316 -22.59 -6.55 -11.01
N ALA A 317 -22.57 -7.26 -9.89
CA ALA A 317 -22.62 -8.70 -9.94
C ALA A 317 -23.99 -9.19 -9.73
N GLU A 318 -24.22 -10.42 -10.16
CA GLU A 318 -25.50 -11.05 -9.95
C GLU A 318 -25.57 -11.62 -8.56
N GLY A 319 -26.49 -11.09 -7.75
CA GLY A 319 -26.66 -11.59 -6.40
C GLY A 319 -26.38 -10.59 -5.31
N THR A 320 -26.66 -10.96 -4.07
CA THR A 320 -26.40 -10.08 -2.94
C THR A 320 -25.03 -10.35 -2.42
N GLY A 321 -24.19 -9.31 -2.40
CA GLY A 321 -22.82 -9.47 -1.91
C GLY A 321 -22.61 -8.74 -0.60
N VAL A 322 -21.59 -9.13 0.16
CA VAL A 322 -21.32 -8.49 1.43
C VAL A 322 -19.86 -8.19 1.69
N ILE A 323 -19.58 -6.94 2.05
CA ILE A 323 -18.23 -6.55 2.37
C ILE A 323 -18.17 -6.16 3.81
N THR A 324 -17.19 -6.68 4.54
CA THR A 324 -17.04 -6.34 5.95
C THR A 324 -15.64 -5.94 6.23
N GLU A 325 -15.48 -4.73 6.74
CA GLU A 325 -14.16 -4.19 7.04
C GLU A 325 -13.74 -4.43 8.46
N THR A 326 -12.55 -4.97 8.70
CA THR A 326 -12.10 -5.18 10.07
C THR A 326 -10.83 -4.46 10.37
N ILE A 327 -10.28 -3.77 9.35
CA ILE A 327 -9.03 -3.01 9.47
C ILE A 327 -9.28 -1.52 9.57
N PHE A 328 -10.13 -1.01 8.70
CA PHE A 328 -10.49 0.40 8.68
C PHE A 328 -12.00 0.55 8.64
N GLU A 329 -12.66 0.37 9.77
CA GLU A 329 -14.12 0.46 9.82
C GLU A 329 -14.79 1.63 9.12
N ASN A 330 -14.00 2.61 8.68
CA ASN A 330 -14.51 3.81 8.00
C ASN A 330 -14.21 3.93 6.51
N ARG A 331 -13.49 2.95 5.96
CA ARG A 331 -13.09 2.94 4.56
C ARG A 331 -14.22 2.71 3.57
N PHE A 332 -15.26 3.53 3.62
CA PHE A 332 -16.42 3.40 2.72
C PHE A 332 -16.73 4.58 1.83
N MET A 333 -15.92 5.63 1.86
CA MET A 333 -16.17 6.78 1.01
C MET A 333 -16.68 6.44 -0.36
N HIS A 334 -16.11 5.41 -0.98
CA HIS A 334 -16.53 4.99 -2.32
C HIS A 334 -18.03 4.75 -2.51
N VAL A 335 -18.63 4.02 -1.58
CA VAL A 335 -20.04 3.68 -1.62
C VAL A 335 -20.96 4.80 -2.02
N PRO A 336 -21.07 5.89 -1.22
CA PRO A 336 -21.98 6.96 -1.66
C PRO A 336 -21.67 7.49 -3.05
N GLU A 337 -20.42 7.34 -3.49
CA GLU A 337 -20.00 7.78 -4.82
C GLU A 337 -20.53 6.83 -5.88
N LEU A 338 -20.31 5.54 -5.66
CA LEU A 338 -20.79 4.53 -6.59
C LEU A 338 -22.31 4.55 -6.66
N ILE A 339 -22.95 4.89 -5.56
CA ILE A 339 -24.41 4.97 -5.52
C ILE A 339 -24.90 6.08 -6.42
N ARG A 340 -24.08 7.12 -6.56
CA ARG A 340 -24.41 8.22 -7.45
C ARG A 340 -24.50 7.70 -8.87
N MET A 341 -23.69 6.69 -9.13
CA MET A 341 -23.59 6.03 -10.42
C MET A 341 -24.65 5.02 -10.67
N GLY A 342 -25.62 4.89 -9.76
CA GLY A 342 -26.70 3.94 -9.94
C GLY A 342 -26.58 2.64 -9.18
N ALA A 343 -25.59 2.56 -8.28
CA ALA A 343 -25.38 1.36 -7.48
C ALA A 343 -26.32 1.27 -6.29
N HIS A 344 -26.58 0.06 -5.82
CA HIS A 344 -27.45 -0.15 -4.65
C HIS A 344 -26.72 -0.76 -3.52
N ALA A 345 -26.60 -0.03 -2.41
CA ALA A 345 -25.90 -0.55 -1.27
C ALA A 345 -26.38 0.01 0.02
N GLU A 346 -26.23 -0.80 1.07
CA GLU A 346 -26.59 -0.44 2.42
C GLU A 346 -25.40 -0.54 3.34
N ILE A 347 -25.25 0.41 4.25
CA ILE A 347 -24.12 0.38 5.18
C ILE A 347 -24.54 0.19 6.61
N GLU A 348 -24.04 -0.87 7.22
CA GLU A 348 -24.30 -1.17 8.61
C GLU A 348 -23.00 -1.29 9.28
N SER A 349 -22.56 -0.24 9.97
CA SER A 349 -21.27 -0.25 10.62
C SER A 349 -20.16 -0.61 9.66
N ASN A 350 -19.33 -1.56 10.07
CA ASN A 350 -18.21 -2.02 9.26
C ASN A 350 -18.62 -2.94 8.11
N THR A 351 -19.90 -3.00 7.81
CA THR A 351 -20.34 -3.88 6.75
C THR A 351 -21.23 -3.16 5.75
N VAL A 352 -21.07 -3.51 4.49
CA VAL A 352 -21.89 -2.91 3.45
C VAL A 352 -22.60 -4.01 2.71
N ILE A 353 -23.91 -3.91 2.58
CA ILE A 353 -24.66 -4.92 1.86
C ILE A 353 -24.82 -4.52 0.42
N CYS A 354 -24.39 -5.39 -0.49
CA CYS A 354 -24.45 -5.13 -1.93
C CYS A 354 -25.62 -5.74 -2.67
N HIS A 355 -26.23 -4.96 -3.55
CA HIS A 355 -27.35 -5.39 -4.40
C HIS A 355 -26.97 -5.14 -5.84
N GLY A 356 -26.37 -6.13 -6.50
CA GLY A 356 -25.95 -5.92 -7.88
C GLY A 356 -26.99 -5.32 -8.81
N VAL A 357 -26.52 -4.57 -9.81
CA VAL A 357 -27.40 -3.98 -10.81
C VAL A 357 -26.90 -4.33 -12.19
N GLU A 358 -27.77 -4.24 -13.19
CA GLU A 358 -27.36 -4.55 -14.56
C GLU A 358 -26.41 -3.54 -15.16
N LYS A 359 -26.54 -2.28 -14.77
CA LYS A 359 -25.68 -1.24 -15.30
C LYS A 359 -25.34 -0.13 -14.35
N LEU A 360 -24.33 0.65 -14.73
CA LEU A 360 -23.89 1.82 -14.01
C LEU A 360 -23.99 3.02 -14.91
N SER A 361 -24.19 4.19 -14.36
CA SER A 361 -24.31 5.36 -15.21
C SER A 361 -23.20 6.31 -15.03
N GLY A 362 -22.75 6.90 -16.15
CA GLY A 362 -21.70 7.88 -16.09
C GLY A 362 -22.24 9.07 -15.30
N ALA A 363 -21.39 9.57 -14.39
CA ALA A 363 -21.73 10.71 -13.55
C ALA A 363 -20.48 11.30 -12.95
N GLN A 364 -20.63 12.35 -12.16
CA GLN A 364 -19.48 12.98 -11.52
C GLN A 364 -19.20 12.44 -10.15
N VAL A 365 -17.99 11.93 -9.94
CA VAL A 365 -17.60 11.38 -8.64
C VAL A 365 -16.39 12.04 -8.08
N MET A 366 -16.05 11.69 -6.84
CA MET A 366 -14.91 12.27 -6.15
C MET A 366 -14.01 11.29 -5.43
N ALA A 367 -12.74 11.23 -5.83
CA ALA A 367 -11.80 10.34 -5.17
C ALA A 367 -11.42 10.86 -3.81
N THR A 368 -11.11 9.97 -2.87
CA THR A 368 -10.74 10.43 -1.56
C THR A 368 -9.79 9.49 -0.89
N ASP A 369 -9.58 8.35 -1.53
CA ASP A 369 -8.71 7.29 -1.02
C ASP A 369 -7.67 6.89 -2.06
N LEU A 370 -6.39 6.98 -1.73
CA LEU A 370 -5.31 6.63 -2.65
C LEU A 370 -5.36 5.23 -3.19
N ARG A 371 -6.28 4.42 -2.71
CA ARG A 371 -6.41 3.08 -3.25
C ARG A 371 -7.85 2.67 -3.46
N ALA A 372 -8.71 2.91 -2.51
CA ALA A 372 -10.11 2.62 -2.74
C ALA A 372 -10.64 3.42 -3.89
N SER A 373 -10.25 4.69 -3.94
CA SER A 373 -10.70 5.55 -5.02
C SER A 373 -10.49 5.02 -6.42
N ALA A 374 -9.65 4.00 -6.57
CA ALA A 374 -9.44 3.44 -7.90
C ALA A 374 -10.72 2.79 -8.39
N SER A 375 -11.50 2.26 -7.46
CA SER A 375 -12.78 1.66 -7.79
C SER A 375 -13.58 2.58 -8.66
N LEU A 376 -13.42 3.87 -8.42
CA LEU A 376 -14.11 4.92 -9.18
C LEU A 376 -13.71 4.90 -10.63
N VAL A 377 -12.41 4.78 -10.89
CA VAL A 377 -11.98 4.70 -12.26
C VAL A 377 -12.53 3.40 -12.86
N LEU A 378 -12.33 2.28 -12.18
CA LEU A 378 -12.86 1.01 -12.64
C LEU A 378 -14.33 1.11 -12.96
N ALA A 379 -15.05 1.86 -12.13
CA ALA A 379 -16.48 2.06 -12.33
C ALA A 379 -16.78 2.74 -13.65
N GLY A 380 -16.01 3.79 -13.96
CA GLY A 380 -16.24 4.54 -15.20
C GLY A 380 -15.94 3.76 -16.48
N CYS A 381 -15.13 2.72 -16.34
CA CYS A 381 -14.77 1.89 -17.49
C CYS A 381 -15.91 0.99 -17.96
N ILE A 382 -16.68 0.46 -17.01
CA ILE A 382 -17.79 -0.42 -17.34
C ILE A 382 -19.11 0.29 -17.29
N ALA A 383 -19.16 1.45 -16.64
CA ALA A 383 -20.41 2.19 -16.59
C ALA A 383 -20.78 2.68 -17.95
N GLU A 384 -22.05 3.02 -18.14
CA GLU A 384 -22.56 3.54 -19.41
C GLU A 384 -22.51 5.04 -19.50
N GLY A 385 -21.70 5.58 -20.40
CA GLY A 385 -21.63 7.01 -20.51
C GLY A 385 -20.34 7.60 -20.02
N THR A 386 -20.40 8.86 -19.58
CA THR A 386 -19.20 9.53 -19.13
C THR A 386 -19.14 9.84 -17.67
N THR A 387 -18.05 9.40 -17.07
CA THR A 387 -17.79 9.60 -15.66
C THR A 387 -16.63 10.52 -15.46
N VAL A 388 -16.83 11.57 -14.66
CA VAL A 388 -15.72 12.46 -14.38
C VAL A 388 -15.25 12.27 -12.97
N VAL A 389 -14.01 11.83 -12.80
CA VAL A 389 -13.46 11.61 -11.47
C VAL A 389 -12.65 12.79 -11.00
N ASP A 390 -13.12 13.39 -9.92
CA ASP A 390 -12.45 14.54 -9.33
C ASP A 390 -11.43 14.18 -8.28
N ARG A 391 -10.39 15.00 -8.12
CA ARG A 391 -9.36 14.76 -7.12
C ARG A 391 -8.48 13.59 -7.38
N ILE A 392 -8.24 13.25 -8.64
CA ILE A 392 -7.40 12.09 -8.95
C ILE A 392 -6.01 12.17 -8.34
N TYR A 393 -5.72 13.28 -7.67
CA TYR A 393 -4.42 13.39 -7.01
C TYR A 393 -4.23 12.25 -6.06
N HIS A 394 -5.33 11.71 -5.54
CA HIS A 394 -5.30 10.56 -4.64
C HIS A 394 -4.75 9.33 -5.30
N ILE A 395 -5.28 9.06 -6.47
CA ILE A 395 -4.89 7.90 -7.24
C ILE A 395 -3.47 7.99 -7.69
N ASP A 396 -2.98 9.18 -8.02
CA ASP A 396 -1.58 9.32 -8.44
C ASP A 396 -0.59 8.97 -7.37
N ARG A 397 -1.12 8.71 -6.17
CA ARG A 397 -0.32 8.34 -5.02
C ARG A 397 0.01 6.88 -4.97
N GLY A 398 -0.96 6.05 -5.32
CA GLY A 398 -0.75 4.62 -5.28
C GLY A 398 -0.86 3.90 -6.60
N TYR A 399 -0.73 4.63 -7.70
CA TYR A 399 -0.80 4.01 -9.02
C TYR A 399 0.09 4.65 -10.05
N GLU A 400 1.00 3.86 -10.61
CA GLU A 400 1.88 4.37 -11.64
C GLU A 400 1.24 4.47 -13.00
N ARG A 401 1.02 5.69 -13.49
CA ARG A 401 0.42 5.87 -14.81
C ARG A 401 -0.83 5.02 -15.03
N ILE A 402 -1.72 4.99 -14.06
CA ILE A 402 -2.92 4.18 -14.19
C ILE A 402 -3.65 4.32 -15.53
N GLU A 403 -3.92 5.54 -16.00
CA GLU A 403 -4.61 5.72 -17.27
C GLU A 403 -3.91 5.04 -18.42
N ASP A 404 -2.59 5.09 -18.43
CA ASP A 404 -1.83 4.44 -19.48
C ASP A 404 -2.05 2.93 -19.45
N LYS A 405 -1.96 2.36 -18.26
CA LYS A 405 -2.18 0.93 -18.08
C LYS A 405 -3.54 0.50 -18.50
N LEU A 406 -4.53 1.33 -18.19
CA LEU A 406 -5.91 1.06 -18.56
C LEU A 406 -6.15 1.18 -20.03
N ARG A 407 -5.52 2.19 -20.62
CA ARG A 407 -5.61 2.43 -22.04
C ARG A 407 -5.09 1.28 -22.82
N ALA A 408 -3.95 0.74 -22.38
CA ALA A 408 -3.35 -0.43 -23.04
C ALA A 408 -4.29 -1.63 -22.92
N LEU A 409 -5.44 -1.39 -22.29
CA LEU A 409 -6.47 -2.41 -22.10
C LEU A 409 -7.76 -2.13 -22.82
N GLY A 410 -7.81 -1.01 -23.54
CA GLY A 410 -9.02 -0.68 -24.26
C GLY A 410 -9.87 0.36 -23.58
N ALA A 411 -9.49 0.74 -22.37
CA ALA A 411 -10.23 1.76 -21.63
C ALA A 411 -10.28 3.06 -22.38
N ASN A 412 -11.39 3.77 -22.24
CA ASN A 412 -11.55 5.09 -22.88
C ASN A 412 -11.39 6.16 -21.85
N ILE A 413 -10.16 6.30 -21.38
CA ILE A 413 -9.85 7.25 -20.34
C ILE A 413 -8.97 8.35 -20.80
N GLU A 414 -9.22 9.53 -20.27
CA GLU A 414 -8.47 10.71 -20.60
C GLU A 414 -8.16 11.58 -19.41
N ARG A 415 -6.93 12.07 -19.33
CA ARG A 415 -6.58 12.92 -18.23
C ARG A 415 -6.95 14.34 -18.52
N VAL A 416 -7.58 15.03 -17.57
CA VAL A 416 -7.93 16.41 -17.82
C VAL A 416 -7.23 17.35 -16.87
N LYS A 417 -6.41 18.24 -17.42
CA LYS A 417 -5.61 19.20 -16.65
C LYS A 417 -6.32 20.35 -15.98
N GLY A 418 -7.26 20.97 -16.68
CA GLY A 418 -7.98 22.10 -16.11
C GLY A 418 -9.28 21.74 -15.39
N GLU A 419 -9.31 21.94 -14.08
CA GLU A 419 -10.50 21.62 -13.28
C GLU A 419 -11.84 21.95 -13.89
O2' MOE B . -0.95 3.34 11.94
CA' MOE B . 0.35 2.74 11.70
CB' MOE B . 1.12 3.52 10.62
OC' MOE B . 2.05 2.64 9.98
CD' MOE B . 2.74 3.39 8.99
O2' MOE C . -7.09 -12.40 -26.80
CA' MOE C . -6.25 -11.53 -26.02
CB' MOE C . -5.60 -12.34 -24.90
OC' MOE C . -5.71 -11.65 -23.65
CD' MOE C . -5.09 -12.47 -22.66
C5 PG0 D . 9.39 22.29 18.02
O2 PG0 D . 10.22 21.19 17.65
C4 PG0 D . 10.00 20.95 16.24
C3 PG0 D . 10.86 19.77 15.78
O1 PG0 D . 12.19 19.93 16.29
C2 PG0 D . 12.99 18.84 15.85
C1 PG0 D . 14.42 19.01 16.41
OTT PG0 D . 14.47 18.60 17.79
C5 PG0 E . 11.42 22.46 -1.47
O2 PG0 E . 10.63 22.33 -0.28
C4 PG0 E . 11.48 21.71 0.71
C3 PG0 E . 10.71 21.52 2.05
O1 PG0 E . 9.55 20.74 1.79
C2 PG0 E . 8.84 20.56 3.00
C1 PG0 E . 7.57 19.73 2.71
OTT PG0 E . 6.88 20.22 1.54
C5 PG0 F . 7.81 -15.97 1.97
O2 PG0 F . 7.91 -14.99 0.92
C4 PG0 F . 6.97 -13.95 1.23
C3 PG0 F . 7.01 -12.84 0.15
O1 PG0 F . 8.28 -12.81 -0.50
C2 PG0 F . 8.23 -11.76 -1.47
C1 PG0 F . 9.57 -11.70 -2.19
OTT PG0 F . 10.62 -11.54 -1.22
MG MG G . -4.24 12.40 3.23
C1' UD2 H . -5.18 18.25 -0.04
C2' UD2 H . -5.09 19.06 -1.38
C3' UD2 H . -4.13 18.30 -2.40
C4' UD2 H . -2.71 18.14 -1.78
C5' UD2 H . -2.91 17.33 -0.40
C6' UD2 H . -1.64 17.02 0.44
C7' UD2 H . -6.93 20.42 -2.54
C8' UD2 H . -6.00 21.54 -2.95
N2' UD2 H . -6.47 19.25 -1.92
O1' UD2 H . -5.85 17.04 -0.35
O3' UD2 H . -3.98 19.01 -3.62
O4' UD2 H . -2.16 19.44 -1.56
O5' UD2 H . -3.86 18.04 0.46
O6' UD2 H . -2.03 16.48 1.69
O7' UD2 H . -8.11 20.51 -2.75
N1 UD2 H . -6.47 15.66 7.97
C2 UD2 H . -6.37 15.99 9.36
N3 UD2 H . -5.08 16.29 9.85
C4 UD2 H . -3.88 16.30 9.08
C5 UD2 H . -4.02 15.95 7.65
C6 UD2 H . -5.28 15.66 7.16
O2 UD2 H . -7.34 16.01 10.11
O4 UD2 H . -2.82 16.57 9.63
C1B UD2 H . -7.83 15.33 7.38
C2B UD2 H . -8.42 16.47 6.54
O2' UD2 H . -9.29 17.29 7.31
C3B UD2 H . -9.21 15.65 5.50
C4B UD2 H . -8.43 14.30 5.40
O4B UD2 H . -7.66 14.19 6.57
O3B UD2 H . -10.54 15.35 5.95
C5B UD2 H . -7.44 14.23 4.20
O5B UD2 H . -6.63 15.40 4.25
PA UD2 H . -5.41 15.81 3.19
O1A UD2 H . -4.63 14.63 2.87
O2A UD2 H . -4.78 17.10 3.49
O3A UD2 H . -6.54 16.02 2.07
PB UD2 H . -7.03 16.43 0.64
O1B UD2 H . -7.95 17.54 0.90
O2B UD2 H . -7.56 15.23 0.05
C1 UPN I . -0.40 -0.13 5.85
O1 UPN I . -0.78 1.03 6.78
C2 UPN I . -0.63 0.35 4.39
N2 UPN I . 0.26 1.51 4.15
C3 UPN I . -2.11 0.69 4.11
O3 UPN I . -2.20 1.08 2.77
C4 UPN I . -3.06 -0.53 4.35
O4 UPN I . -2.77 -1.44 3.36
C5 UPN I . -2.74 -1.14 5.73
O5 UPN I . -1.32 -1.23 6.03
C6 UPN I . -3.27 -2.55 5.82
O6 UPN I . -3.40 -2.71 7.22
C7 UPN I . 1.58 1.48 3.97
O7 UPN I . 2.27 0.49 3.96
C8 UPN I . 2.24 2.79 3.75
PA UPN I . -1.62 -0.91 10.13
PB UPN I . -0.64 0.86 8.32
O1A UPN I . -0.57 -0.52 11.07
O1B UPN I . 0.73 0.64 8.47
C1D UPN I . -4.41 0.09 13.80
C1E UPN I . -1.84 3.11 1.65
O1E UPN I . -1.67 2.54 0.57
N1U UPN I . -3.18 0.58 14.50
O2A UPN I . -1.47 -2.32 9.82
O2B UPN I . -1.08 2.09 8.94
C2D UPN I . -4.89 0.86 12.62
O2D UPN I . -5.34 2.30 12.85
C2E UPN I . -2.73 2.41 2.53
O2E UPN I . -1.37 4.18 2.03
C2U UPN I . -3.24 1.05 15.83
O2U UPN I . -4.28 1.07 16.47
O3A UPN I . -1.47 -0.36 8.76
C3D UPN I . -5.87 -0.18 11.98
O3D UPN I . -7.14 -0.11 12.81
C3E UPN I . -3.87 2.99 2.97
N3U UPN I . -2.13 1.48 16.41
C4D UPN I . -4.93 -1.47 12.13
O4D UPN I . -4.09 -1.18 13.27
C4U UPN I . -0.89 1.52 15.85
O4U UPN I . 0.07 1.93 16.47
C5D UPN I . -3.94 -1.75 10.96
O5D UPN I . -3.00 -0.69 10.75
C5U UPN I . -0.81 1.03 14.47
C6U UPN I . -1.94 0.58 13.83
#